data_3JYU
#
_entry.id   3JYU
#
_cell.length_a   180.060
_cell.length_b   34.060
_cell.length_c   125.190
_cell.angle_alpha   90.00
_cell.angle_beta   133.52
_cell.angle_gamma   90.00
#
_symmetry.space_group_name_H-M   'C 1 2 1'
#
loop_
_entity.id
_entity.type
_entity.pdbx_description
1 polymer 'Ubiquitin carboxyl-terminal hydrolase'
2 non-polymer 3-PYRIDINIUM-1-YLPROPANE-1-SULFONATE
3 water water
#
_entity_poly.entity_id   1
_entity_poly.type   'polypeptide(L)'
_entity_poly.pdbx_seq_one_letter_code
;GS(MSE)AEGRGSRERPDVETQKTELGAL(MSE)GTTLQRGAQWYLIDSRWFKQWKKYVGFDSWD(MSE)YNVGEHNLFP
GPIDNSGLFSDPESQTLKEHLIDELDYVLVPAEAWNKLLNWYGCVEGQQPIVRKVVEHGLFVKHCKVEVYLLELKLCENS
DPTNVLSCHFSKADTIATIEKE(MSE)RKLFNIPAERETRLWNKY(MSE)SNTYEQLSKLDNTIQDAGLYQGQVLVIEPQ
NEDGTWPRQSL
;
_entity_poly.pdbx_strand_id   A,B
#
loop_
_chem_comp.id
_chem_comp.type
_chem_comp.name
_chem_comp.formula
1PS non-polymer 3-PYRIDINIUM-1-YLPROPANE-1-SULFONATE 'C8 H11 N O3 S'
#
# COMPACT_ATOMS: atom_id res chain seq x y z
N SER A 9 6.07 26.55 29.08
CA SER A 9 5.00 25.59 28.86
C SER A 9 5.42 24.46 27.92
N ARG A 10 6.54 24.62 27.23
CA ARG A 10 7.01 23.61 26.28
C ARG A 10 8.23 22.87 26.77
N GLU A 11 8.13 21.56 26.93
CA GLU A 11 9.30 20.77 27.27
C GLU A 11 9.83 20.07 26.03
N ARG A 12 11.03 20.43 25.63
CA ARG A 12 11.74 19.69 24.58
C ARG A 12 13.18 19.44 24.98
N PRO A 13 13.60 18.17 25.04
CA PRO A 13 14.98 17.84 25.41
C PRO A 13 15.92 17.94 24.20
N ASP A 14 17.23 17.81 24.43
CA ASP A 14 18.21 17.89 23.35
C ASP A 14 18.00 16.80 22.28
N VAL A 15 18.58 17.04 21.10
CA VAL A 15 18.31 16.19 19.94
C VAL A 15 18.74 14.74 20.17
N GLU A 16 19.85 14.54 20.89
CA GLU A 16 20.31 13.18 21.19
C GLU A 16 19.27 12.41 22.02
N THR A 17 18.60 13.11 22.94
CA THR A 17 17.57 12.48 23.75
C THR A 17 16.34 12.22 22.91
N GLN A 18 15.99 13.18 22.05
CA GLN A 18 14.87 12.99 21.12
C GLN A 18 15.09 11.77 20.24
N LYS A 19 16.29 11.67 19.67
CA LYS A 19 16.67 10.54 18.82
C LYS A 19 16.52 9.18 19.54
N THR A 20 16.96 9.14 20.79
CA THR A 20 16.98 7.90 21.59
C THR A 20 15.59 7.51 22.05
N GLU A 21 14.82 8.49 22.49
CA GLU A 21 13.48 8.16 22.96
C GLU A 21 12.62 7.64 21.81
N LEU A 22 12.78 8.23 20.62
CA LEU A 22 11.99 7.74 19.49
C LEU A 22 12.57 6.42 18.98
N GLY A 23 13.90 6.33 18.93
CA GLY A 23 14.56 5.10 18.55
C GLY A 23 14.09 3.91 19.34
N ALA A 24 13.89 4.11 20.64
CA ALA A 24 13.38 3.04 21.53
C ALA A 24 11.98 2.52 21.14
N LEU A 25 11.23 3.31 20.36
CA LEU A 25 9.85 2.93 19.96
C LEU A 25 9.80 2.23 18.61
N MSE A 26 10.95 2.12 17.98
CA MSE A 26 11.00 1.50 16.66
C MSE A 26 10.66 0.01 16.60
O MSE A 26 10.42 -0.53 15.52
CB MSE A 26 12.35 1.77 16.04
CG MSE A 26 12.37 3.08 15.34
SE MSE A 26 13.94 3.13 14.29
CE MSE A 26 13.57 1.77 12.95
N GLY A 27 10.64 -0.67 17.74
CA GLY A 27 10.32 -2.09 17.74
C GLY A 27 8.82 -2.37 17.84
N THR A 28 8.00 -1.34 17.67
CA THR A 28 6.56 -1.48 17.87
C THR A 28 5.94 -2.23 16.69
N THR A 29 5.17 -3.26 17.00
CA THR A 29 4.50 -4.04 15.99
C THR A 29 3.08 -3.54 15.83
N LEU A 30 2.47 -3.88 14.71
CA LEU A 30 1.08 -3.55 14.44
C LEU A 30 0.22 -4.60 15.11
N GLN A 31 -0.68 -4.16 15.98
CA GLN A 31 -1.56 -5.06 16.70
C GLN A 31 -3.01 -4.59 16.56
N ARG A 32 -3.94 -5.53 16.36
CA ARG A 32 -5.34 -5.17 16.14
CA ARG A 32 -5.34 -5.18 16.15
C ARG A 32 -5.85 -4.21 17.21
N GLY A 33 -6.45 -3.11 16.75
CA GLY A 33 -7.05 -2.15 17.66
C GLY A 33 -6.16 -1.00 18.08
N ALA A 34 -4.85 -1.15 17.88
CA ALA A 34 -3.90 -0.11 18.25
C ALA A 34 -4.13 1.15 17.41
N GLN A 35 -3.86 2.32 18.02
CA GLN A 35 -4.04 3.58 17.33
C GLN A 35 -2.71 4.14 16.85
N TRP A 36 -2.62 4.47 15.57
CA TRP A 36 -1.39 5.03 15.01
C TRP A 36 -1.68 6.38 14.36
N TYR A 37 -0.65 7.21 14.22
CA TYR A 37 -0.85 8.59 13.77
C TYR A 37 -0.08 8.85 12.51
N LEU A 38 -0.69 9.64 11.62
CA LEU A 38 -0.02 10.03 10.38
C LEU A 38 0.76 11.32 10.57
N ILE A 39 1.96 11.36 10.02
CA ILE A 39 2.73 12.59 9.99
C ILE A 39 3.22 12.78 8.57
N ASP A 40 3.02 13.99 8.04
CA ASP A 40 3.53 14.36 6.74
C ASP A 40 5.02 14.05 6.70
N SER A 41 5.45 13.30 5.69
CA SER A 41 6.82 12.80 5.64
C SER A 41 7.84 13.94 5.46
N ARG A 42 7.35 15.07 4.97
CA ARG A 42 8.19 16.24 4.77
C ARG A 42 8.61 16.79 6.13
N TRP A 43 7.68 16.76 7.09
CA TRP A 43 7.98 17.24 8.43
C TRP A 43 8.89 16.23 9.11
N PHE A 44 8.51 14.96 9.00
CA PHE A 44 9.23 13.91 9.66
C PHE A 44 10.66 13.72 9.14
N LYS A 45 10.89 13.91 7.84
CA LYS A 45 12.26 13.74 7.31
C LYS A 45 13.17 14.88 7.77
N GLN A 46 12.56 16.05 8.00
CA GLN A 46 13.29 17.20 8.51
C GLN A 46 13.62 16.97 9.98
N TRP A 47 12.65 16.47 10.77
CA TRP A 47 12.94 16.09 12.15
C TRP A 47 14.08 15.05 12.21
N LYS A 48 14.05 14.05 11.33
CA LYS A 48 15.13 13.07 11.32
C LYS A 48 16.47 13.72 11.05
N LYS A 49 16.52 14.64 10.10
CA LYS A 49 17.79 15.32 9.81
C LYS A 49 18.23 16.21 10.97
N TYR A 50 17.27 16.88 11.60
CA TYR A 50 17.53 17.75 12.71
C TYR A 50 18.15 16.98 13.87
N VAL A 51 17.64 15.77 14.12
CA VAL A 51 18.17 14.99 15.24
C VAL A 51 19.29 14.01 14.88
N GLY A 52 19.62 13.88 13.59
CA GLY A 52 20.59 12.87 13.15
C GLY A 52 20.12 11.44 13.37
N PHE A 53 18.82 11.22 13.22
CA PHE A 53 18.22 9.88 13.38
C PHE A 53 18.90 8.76 12.54
N ASP A 54 19.18 9.03 11.27
CA ASP A 54 19.75 8.04 10.34
C ASP A 54 21.29 8.04 10.32
N SER A 55 21.88 9.22 10.41
CA SER A 55 23.31 9.31 10.48
C SER A 55 23.68 10.62 11.13
N TRP A 56 24.85 10.64 11.73
CA TRP A 56 25.31 11.86 12.33
C TRP A 56 25.81 12.81 11.26
N ASP A 57 25.58 14.08 11.48
CA ASP A 57 26.08 15.08 10.55
C ASP A 57 26.71 16.19 11.37
N MSE A 58 28.02 16.34 11.21
CA MSE A 58 28.78 17.25 12.05
C MSE A 58 28.46 18.73 11.85
O MSE A 58 28.77 19.54 12.71
CB MSE A 58 30.26 17.02 11.81
CG MSE A 58 31.13 18.04 12.48
SE MSE A 58 32.92 17.38 12.75
CE MSE A 58 33.74 19.05 13.35
N TYR A 59 27.83 19.07 10.74
CA TYR A 59 27.56 20.47 10.42
C TYR A 59 26.11 20.87 10.62
N ASN A 60 25.21 19.88 10.65
CA ASN A 60 23.79 20.18 10.65
C ASN A 60 22.99 19.71 11.86
N VAL A 61 23.42 18.59 12.46
CA VAL A 61 22.64 18.00 13.54
C VAL A 61 22.55 18.98 14.70
N GLY A 62 21.35 19.16 15.21
CA GLY A 62 21.10 20.10 16.30
C GLY A 62 21.10 21.56 15.88
N GLU A 63 21.52 21.88 14.65
CA GLU A 63 21.60 23.28 14.24
C GLU A 63 20.22 23.93 14.13
N HIS A 64 20.13 25.20 14.52
CA HIS A 64 18.83 25.90 14.52
C HIS A 64 18.19 25.99 13.14
N ASN A 65 19.00 26.03 12.07
CA ASN A 65 18.39 26.18 10.75
C ASN A 65 17.80 24.89 10.22
N LEU A 66 17.92 23.81 11.00
CA LEU A 66 17.23 22.55 10.68
C LEU A 66 15.98 22.31 11.53
N PHE A 67 15.80 23.15 12.54
CA PHE A 67 14.63 23.02 13.40
C PHE A 67 13.35 22.91 12.57
N PRO A 68 12.58 21.82 12.73
CA PRO A 68 11.43 21.60 11.83
C PRO A 68 10.18 22.39 12.21
N GLY A 69 10.17 22.96 13.42
CA GLY A 69 8.98 23.65 13.89
C GLY A 69 7.79 22.76 14.19
N PRO A 70 6.63 23.38 14.41
CA PRO A 70 5.43 22.64 14.83
C PRO A 70 5.02 21.61 13.78
N ILE A 71 4.52 20.47 14.23
CA ILE A 71 4.09 19.44 13.30
C ILE A 71 3.00 20.02 12.42
N ASP A 72 3.19 19.94 11.11
CA ASP A 72 2.24 20.52 10.17
C ASP A 72 1.77 19.47 9.17
N ASN A 73 0.54 19.00 9.34
CA ASN A 73 -0.01 17.97 8.46
C ASN A 73 -0.87 18.48 7.30
N SER A 74 -0.96 19.79 7.15
CA SER A 74 -1.86 20.40 6.16
C SER A 74 -1.69 19.88 4.72
N GLY A 75 -0.49 19.47 4.34
CA GLY A 75 -0.26 18.90 3.02
C GLY A 75 -0.95 17.56 2.79
N LEU A 76 -1.62 17.06 3.82
CA LEU A 76 -2.29 15.78 3.75
C LEU A 76 -3.81 15.94 3.61
N PHE A 77 -4.32 17.16 3.83
CA PHE A 77 -5.76 17.43 3.73
C PHE A 77 -6.20 17.81 2.31
N SER A 78 -7.37 17.35 1.91
CA SER A 78 -7.97 17.76 0.64
C SER A 78 -8.83 19.00 0.90
N ASP A 79 -9.19 19.17 2.17
CA ASP A 79 -10.01 20.27 2.59
C ASP A 79 -9.33 20.90 3.79
N PRO A 80 -8.93 22.17 3.67
CA PRO A 80 -8.28 22.87 4.78
C PRO A 80 -9.20 22.91 6.01
N GLU A 81 -10.37 23.50 5.84
CA GLU A 81 -11.34 23.65 6.91
C GLU A 81 -11.65 22.32 7.60
N SER A 82 -12.23 21.37 6.85
CA SER A 82 -12.71 20.11 7.41
C SER A 82 -11.63 19.06 7.72
N GLN A 83 -10.42 19.30 7.21
CA GLN A 83 -9.27 18.43 7.48
C GLN A 83 -9.56 16.98 7.07
N THR A 84 -10.17 16.84 5.90
CA THR A 84 -10.37 15.55 5.28
C THR A 84 -9.07 15.13 4.61
N LEU A 85 -8.73 13.87 4.78
CA LEU A 85 -7.49 13.33 4.25
C LEU A 85 -7.60 13.23 2.72
N LYS A 86 -6.62 13.75 1.99
CA LYS A 86 -6.55 13.49 0.56
C LYS A 86 -6.72 12.00 0.35
N GLU A 87 -7.09 11.62 -0.87
CA GLU A 87 -7.16 10.22 -1.24
C GLU A 87 -5.90 9.88 -2.00
N HIS A 88 -5.61 8.60 -2.10
CA HIS A 88 -4.44 8.11 -2.82
C HIS A 88 -3.15 8.64 -2.22
N LEU A 89 -3.10 8.74 -0.90
CA LEU A 89 -1.84 9.02 -0.23
C LEU A 89 -1.13 7.69 -0.14
N ILE A 90 0.18 7.72 -0.30
CA ILE A 90 1.03 6.52 -0.27
C ILE A 90 1.84 6.44 1.03
N ASP A 91 1.63 5.37 1.80
CA ASP A 91 2.43 5.12 2.98
C ASP A 91 3.92 5.21 2.65
N GLU A 92 4.70 5.83 3.54
CA GLU A 92 6.15 5.97 3.36
C GLU A 92 6.58 6.96 2.28
N LEU A 93 5.66 7.41 1.43
CA LEU A 93 5.99 8.45 0.47
C LEU A 93 5.42 9.81 0.92
N ASP A 94 4.12 9.86 1.12
CA ASP A 94 3.44 11.08 1.51
C ASP A 94 3.39 11.25 3.02
N TYR A 95 3.31 10.14 3.74
CA TYR A 95 3.20 10.21 5.19
C TYR A 95 3.97 9.08 5.83
N VAL A 96 4.29 9.23 7.10
CA VAL A 96 4.77 8.11 7.89
C VAL A 96 3.78 7.85 9.03
N LEU A 97 3.66 6.59 9.44
CA LEU A 97 2.79 6.21 10.53
C LEU A 97 3.65 5.98 11.76
N VAL A 98 3.25 6.55 12.88
CA VAL A 98 4.01 6.35 14.09
C VAL A 98 3.08 5.87 15.17
N PRO A 99 3.61 5.12 16.14
CA PRO A 99 2.85 4.57 17.26
C PRO A 99 2.37 5.71 18.14
N ALA A 100 1.32 5.49 18.92
CA ALA A 100 0.81 6.55 19.78
C ALA A 100 1.89 7.17 20.72
N GLU A 101 2.76 6.36 21.32
CA GLU A 101 3.79 6.91 22.22
C GLU A 101 4.70 7.92 21.51
N ALA A 102 5.08 7.60 20.27
CA ALA A 102 5.93 8.45 19.46
C ALA A 102 5.24 9.75 19.07
N TRP A 103 3.96 9.65 18.72
CA TRP A 103 3.17 10.83 18.41
C TRP A 103 3.10 11.77 19.62
N ASN A 104 2.76 11.21 20.78
CA ASN A 104 2.76 11.99 22.02
C ASN A 104 4.07 12.74 22.24
N LYS A 105 5.19 12.07 22.11
CA LYS A 105 6.47 12.76 22.30
C LYS A 105 6.65 13.89 21.29
N LEU A 106 6.41 13.63 20.00
CA LEU A 106 6.62 14.64 18.99
C LEU A 106 5.70 15.89 19.15
N LEU A 107 4.44 15.64 19.44
CA LEU A 107 3.50 16.73 19.67
C LEU A 107 3.90 17.53 20.92
N ASN A 108 4.22 16.84 22.00
CA ASN A 108 4.74 17.49 23.21
C ASN A 108 5.95 18.34 22.90
N TRP A 109 6.86 17.80 22.10
CA TRP A 109 8.12 18.48 21.90
C TRP A 109 7.96 19.72 21.03
N TYR A 110 7.12 19.61 20.00
CA TYR A 110 7.05 20.57 18.91
C TYR A 110 5.74 21.33 18.80
N GLY A 111 4.67 20.78 19.37
CA GLY A 111 3.34 21.31 19.15
C GLY A 111 2.90 21.10 17.70
N CYS A 112 1.75 21.64 17.35
CA CYS A 112 1.25 21.52 15.98
C CYS A 112 0.68 22.85 15.51
N VAL A 113 0.50 22.98 14.20
CA VAL A 113 -0.09 24.18 13.63
C VAL A 113 -1.45 24.37 14.28
N GLU A 114 -1.78 25.61 14.62
CA GLU A 114 -3.02 25.89 15.33
C GLU A 114 -4.23 25.35 14.57
N GLY A 115 -5.10 24.64 15.27
CA GLY A 115 -6.30 24.13 14.65
C GLY A 115 -6.24 22.72 14.08
N GLN A 116 -5.03 22.20 13.80
CA GLN A 116 -4.89 20.84 13.27
C GLN A 116 -5.11 19.76 14.33
N GLN A 117 -6.04 18.84 14.05
CA GLN A 117 -6.30 17.70 14.92
C GLN A 117 -5.36 16.56 14.55
N PRO A 118 -5.05 15.68 15.50
CA PRO A 118 -4.23 14.51 15.14
C PRO A 118 -4.92 13.67 14.08
N ILE A 119 -4.17 13.07 13.17
CA ILE A 119 -4.73 12.17 12.20
C ILE A 119 -4.53 10.74 12.70
N VAL A 120 -5.54 10.21 13.40
CA VAL A 120 -5.42 8.92 14.06
C VAL A 120 -6.19 7.82 13.33
N ARG A 121 -5.59 6.63 13.27
CA ARG A 121 -6.18 5.50 12.56
C ARG A 121 -5.93 4.21 13.34
N LYS A 122 -6.74 3.19 13.12
CA LYS A 122 -6.61 1.92 13.83
C LYS A 122 -6.05 0.78 12.97
N VAL A 123 -5.36 -0.15 13.63
CA VAL A 123 -4.85 -1.34 13.00
C VAL A 123 -5.95 -2.38 12.86
N VAL A 124 -6.10 -2.93 11.67
CA VAL A 124 -7.06 -4.01 11.42
C VAL A 124 -6.39 -5.17 10.71
N GLU A 125 -6.99 -6.35 10.81
CA GLU A 125 -6.56 -7.47 10.00
C GLU A 125 -7.45 -7.49 8.77
N HIS A 126 -6.83 -7.48 7.59
CA HIS A 126 -7.56 -7.72 6.35
C HIS A 126 -6.61 -8.25 5.28
N GLY A 127 -7.18 -8.55 4.11
CA GLY A 127 -6.44 -9.14 3.01
C GLY A 127 -7.34 -10.06 2.21
N LEU A 128 -7.23 -9.99 0.89
CA LEU A 128 -7.95 -10.90 0.00
C LEU A 128 -7.46 -12.35 0.09
N PHE A 129 -6.18 -12.53 0.41
CA PHE A 129 -5.62 -13.85 0.62
C PHE A 129 -5.00 -13.92 2.02
N VAL A 130 -3.70 -13.66 2.14
CA VAL A 130 -3.06 -13.57 3.44
C VAL A 130 -3.63 -12.40 4.26
N LYS A 131 -3.96 -12.64 5.52
CA LYS A 131 -4.48 -11.57 6.38
C LYS A 131 -3.32 -10.86 7.08
N HIS A 132 -3.26 -9.54 6.93
CA HIS A 132 -2.18 -8.78 7.52
C HIS A 132 -2.75 -7.75 8.46
N CYS A 133 -2.03 -7.43 9.53
CA CYS A 133 -2.34 -6.25 10.31
C CYS A 133 -1.81 -5.06 9.54
N LYS A 134 -2.68 -4.11 9.25
CA LYS A 134 -2.29 -2.87 8.60
C LYS A 134 -3.06 -1.72 9.25
N VAL A 135 -2.45 -0.56 9.35
CA VAL A 135 -3.19 0.63 9.76
C VAL A 135 -4.19 0.89 8.65
N GLU A 136 -5.45 1.03 9.02
CA GLU A 136 -6.48 1.32 8.02
C GLU A 136 -6.66 2.84 7.84
N VAL A 137 -6.06 3.36 6.78
CA VAL A 137 -6.02 4.80 6.55
C VAL A 137 -7.31 5.30 5.87
N TYR A 138 -7.90 4.45 5.05
CA TYR A 138 -9.17 4.82 4.45
C TYR A 138 -10.26 3.84 4.82
N LEU A 139 -11.27 4.34 5.53
CA LEU A 139 -12.49 3.57 5.80
C LEU A 139 -13.30 3.51 4.52
N LEU A 140 -14.23 2.55 4.46
CA LEU A 140 -15.09 2.42 3.29
C LEU A 140 -16.41 3.14 3.53
N GLU A 141 -16.74 4.09 2.66
CA GLU A 141 -17.98 4.85 2.78
C GLU A 141 -19.12 4.04 2.17
N LEU A 142 -20.28 4.05 2.84
CA LEU A 142 -21.46 3.37 2.33
C LEU A 142 -22.71 4.20 2.53
N LYS A 143 -23.53 4.29 1.47
CA LYS A 143 -24.82 4.96 1.57
C LYS A 143 -25.90 3.96 2.02
N LEU A 144 -26.56 4.26 3.13
CA LEU A 144 -27.56 3.35 3.70
C LEU A 144 -28.95 3.96 3.65
N CYS A 145 -29.95 3.13 3.38
CA CYS A 145 -31.32 3.62 3.32
C CYS A 145 -32.36 2.54 3.57
N GLU A 146 -33.51 2.96 4.09
CA GLU A 146 -34.62 2.06 4.34
C GLU A 146 -35.32 1.76 3.03
N ASN A 147 -35.98 0.62 2.94
CA ASN A 147 -36.78 0.32 1.77
C ASN A 147 -37.95 1.30 1.57
N SER A 148 -38.51 1.76 2.68
CA SER A 148 -39.71 2.60 2.62
C SER A 148 -39.39 4.07 2.33
N ASP A 149 -38.11 4.44 2.39
CA ASP A 149 -37.68 5.81 2.16
C ASP A 149 -36.32 5.85 1.47
N PRO A 150 -36.29 5.56 0.15
CA PRO A 150 -35.07 5.53 -0.66
C PRO A 150 -34.51 6.92 -0.96
N THR A 151 -35.21 7.96 -0.49
CA THR A 151 -34.79 9.34 -0.66
C THR A 151 -33.91 9.72 0.52
N ASN A 152 -34.16 9.06 1.63
CA ASN A 152 -33.39 9.24 2.84
C ASN A 152 -32.21 8.26 2.86
N VAL A 153 -31.05 8.70 2.38
CA VAL A 153 -29.86 7.88 2.45
C VAL A 153 -28.82 8.49 3.38
N LEU A 154 -28.43 7.74 4.40
CA LEU A 154 -27.40 8.16 5.32
C LEU A 154 -26.07 7.66 4.79
N SER A 155 -24.99 8.35 5.14
CA SER A 155 -23.67 7.91 4.75
C SER A 155 -22.96 7.44 6.01
N CYS A 156 -22.31 6.28 5.93
CA CYS A 156 -21.57 5.77 7.08
C CYS A 156 -20.20 5.26 6.65
N HIS A 157 -19.28 5.22 7.60
CA HIS A 157 -17.94 4.71 7.31
C HIS A 157 -17.69 3.45 8.10
N PHE A 158 -17.23 2.44 7.38
CA PHE A 158 -17.03 1.12 7.95
C PHE A 158 -15.61 0.63 7.67
N SER A 159 -15.08 -0.15 8.60
CA SER A 159 -13.80 -0.78 8.37
C SER A 159 -13.95 -1.87 7.30
N LYS A 160 -12.93 -2.06 6.48
CA LYS A 160 -12.89 -3.18 5.52
C LYS A 160 -12.98 -4.52 6.26
N ALA A 161 -12.60 -4.49 7.53
CA ALA A 161 -12.67 -5.68 8.38
C ALA A 161 -14.04 -5.86 9.04
N ASP A 162 -14.93 -4.87 8.92
CA ASP A 162 -16.28 -5.04 9.49
C ASP A 162 -17.05 -6.10 8.70
N THR A 163 -18.06 -6.68 9.33
CA THR A 163 -18.86 -7.71 8.67
C THR A 163 -20.16 -7.14 8.15
N ILE A 164 -20.78 -7.84 7.21
CA ILE A 164 -22.12 -7.51 6.77
C ILE A 164 -23.07 -7.44 7.97
N ALA A 165 -22.86 -8.28 8.97
CA ALA A 165 -23.72 -8.26 10.15
C ALA A 165 -23.61 -6.93 10.90
N THR A 166 -22.39 -6.38 10.95
CA THR A 166 -22.11 -5.10 11.61
C THR A 166 -22.86 -3.96 10.93
N ILE A 167 -22.91 -3.99 9.60
CA ILE A 167 -23.68 -3.02 8.84
C ILE A 167 -25.18 -3.18 9.11
N GLU A 168 -25.64 -4.40 9.26
CA GLU A 168 -27.05 -4.62 9.55
C GLU A 168 -27.37 -4.13 10.95
N LYS A 169 -26.48 -4.41 11.89
CA LYS A 169 -26.66 -3.92 13.25
C LYS A 169 -26.85 -2.41 13.20
N GLU A 170 -26.04 -1.74 12.40
CA GLU A 170 -26.04 -0.28 12.35
C GLU A 170 -27.24 0.28 11.59
N MSE A 171 -27.66 -0.41 10.53
CA MSE A 171 -28.82 0.04 9.77
C MSE A 171 -30.09 -0.08 10.60
O MSE A 171 -30.94 0.80 10.56
CB MSE A 171 -28.96 -0.74 8.47
CG MSE A 171 -27.79 -0.49 7.56
SE MSE A 171 -27.93 -1.47 5.92
CE MSE A 171 -29.00 -0.25 4.86
N ARG A 172 -30.19 -1.17 11.35
CA ARG A 172 -31.28 -1.35 12.30
C ARG A 172 -31.34 -0.22 13.31
N LYS A 173 -30.17 0.23 13.77
CA LYS A 173 -30.11 1.36 14.69
C LYS A 173 -30.65 2.62 14.01
N LEU A 174 -29.94 3.09 12.99
CA LEU A 174 -30.32 4.30 12.25
C LEU A 174 -31.81 4.35 11.98
N PHE A 175 -32.33 3.30 11.37
CA PHE A 175 -33.70 3.33 10.88
C PHE A 175 -34.71 2.75 11.90
N ASN A 176 -34.23 2.49 13.11
CA ASN A 176 -35.08 1.99 14.20
C ASN A 176 -35.88 0.74 13.86
N ILE A 177 -35.19 -0.38 13.74
CA ILE A 177 -35.81 -1.66 13.46
C ILE A 177 -35.64 -2.60 14.66
N PRO A 178 -36.76 -3.03 15.23
CA PRO A 178 -36.87 -3.93 16.40
C PRO A 178 -36.14 -5.25 16.19
N ALA A 179 -35.43 -5.71 17.22
CA ALA A 179 -34.64 -6.94 17.13
C ALA A 179 -35.39 -8.16 16.58
N GLU A 180 -36.65 -8.33 16.98
CA GLU A 180 -37.38 -9.52 16.57
C GLU A 180 -37.93 -9.40 15.14
N ARG A 181 -37.75 -8.23 14.54
CA ARG A 181 -38.16 -8.04 13.16
C ARG A 181 -37.09 -8.55 12.18
N GLU A 182 -37.50 -9.44 11.29
CA GLU A 182 -36.61 -9.99 10.28
C GLU A 182 -36.32 -8.96 9.17
N THR A 183 -35.11 -9.00 8.61
CA THR A 183 -34.73 -8.08 7.53
C THR A 183 -34.14 -8.79 6.32
N ARG A 184 -34.16 -8.12 5.18
CA ARG A 184 -33.32 -8.51 4.04
C ARG A 184 -32.42 -7.34 3.65
N LEU A 185 -31.17 -7.64 3.32
CA LEU A 185 -30.21 -6.61 2.94
C LEU A 185 -29.89 -6.73 1.46
N TRP A 186 -30.08 -5.65 0.72
CA TRP A 186 -29.97 -5.70 -0.74
C TRP A 186 -28.78 -4.91 -1.26
N ASN A 187 -28.07 -5.50 -2.21
CA ASN A 187 -26.89 -4.88 -2.80
C ASN A 187 -27.03 -4.77 -4.30
N LYS A 188 -27.18 -3.55 -4.81
CA LYS A 188 -27.19 -3.40 -6.26
C LYS A 188 -26.14 -2.40 -6.73
N TYR A 189 -25.07 -2.93 -7.33
CA TYR A 189 -23.98 -2.11 -7.79
C TYR A 189 -23.58 -2.53 -9.20
N MSE A 190 -23.96 -1.73 -10.19
CA MSE A 190 -23.65 -1.98 -11.60
C MSE A 190 -24.19 -3.34 -12.04
O MSE A 190 -23.47 -4.11 -12.69
CB MSE A 190 -22.13 -1.93 -11.81
CG MSE A 190 -21.69 -1.16 -13.05
SE MSE A 190 -21.67 0.77 -12.80
CE MSE A 190 -20.20 0.89 -11.51
N SER A 191 -25.44 -3.63 -11.71
CA SER A 191 -25.94 -5.00 -11.73
C SER A 191 -27.08 -5.35 -12.69
N ASN A 192 -28.09 -4.49 -12.73
CA ASN A 192 -29.35 -4.77 -13.44
C ASN A 192 -30.35 -5.43 -12.50
N THR A 193 -29.86 -6.04 -11.43
CA THR A 193 -30.75 -6.64 -10.43
C THR A 193 -30.20 -6.59 -9.01
N TYR A 194 -31.10 -6.57 -8.04
CA TYR A 194 -30.70 -6.59 -6.64
C TYR A 194 -30.20 -7.96 -6.23
N GLU A 195 -29.01 -7.99 -5.66
CA GLU A 195 -28.49 -9.18 -5.03
C GLU A 195 -28.70 -9.07 -3.53
N GLN A 196 -29.04 -10.17 -2.88
CA GLN A 196 -29.27 -10.14 -1.45
C GLN A 196 -27.98 -10.49 -0.73
N LEU A 197 -27.55 -9.60 0.16
CA LEU A 197 -26.43 -9.89 1.03
C LEU A 197 -26.93 -10.84 2.12
N SER A 198 -26.57 -12.11 1.99
CA SER A 198 -27.11 -13.14 2.85
C SER A 198 -26.11 -13.64 3.90
N LYS A 199 -24.83 -13.64 3.56
CA LYS A 199 -23.81 -14.13 4.47
C LYS A 199 -23.40 -13.03 5.43
N LEU A 200 -24.10 -12.90 6.55
CA LEU A 200 -23.80 -11.87 7.54
C LEU A 200 -22.40 -12.12 8.12
N ASP A 201 -21.91 -13.32 7.84
CA ASP A 201 -20.65 -13.83 8.36
C ASP A 201 -19.43 -13.10 7.81
N ASN A 202 -19.46 -12.80 6.51
CA ASN A 202 -18.23 -12.32 5.88
C ASN A 202 -18.03 -10.81 5.92
N THR A 203 -16.77 -10.40 5.78
CA THR A 203 -16.40 -9.02 5.85
C THR A 203 -16.82 -8.25 4.60
N ILE A 204 -16.89 -6.94 4.75
CA ILE A 204 -17.10 -6.02 3.65
C ILE A 204 -16.12 -6.27 2.49
N GLN A 205 -14.86 -6.56 2.82
CA GLN A 205 -13.84 -6.87 1.83
C GLN A 205 -14.11 -8.20 1.10
N ASP A 206 -14.53 -9.22 1.85
CA ASP A 206 -14.91 -10.50 1.29
C ASP A 206 -16.07 -10.33 0.32
N ALA A 207 -17.04 -9.52 0.73
CA ALA A 207 -18.25 -9.29 -0.04
C ALA A 207 -17.95 -8.40 -1.24
N GLY A 208 -16.77 -7.80 -1.26
CA GLY A 208 -16.36 -6.93 -2.34
C GLY A 208 -17.29 -5.75 -2.57
N LEU A 209 -17.65 -5.04 -1.51
CA LEU A 209 -18.42 -3.81 -1.63
C LEU A 209 -17.51 -2.64 -2.05
N TYR A 210 -18.09 -1.67 -2.76
CA TYR A 210 -17.31 -0.57 -3.33
C TYR A 210 -17.61 0.78 -2.65
N GLN A 211 -16.59 1.62 -2.55
CA GLN A 211 -16.72 2.98 -2.03
C GLN A 211 -17.99 3.65 -2.53
N GLY A 212 -18.74 4.27 -1.61
CA GLY A 212 -19.91 5.06 -1.97
C GLY A 212 -21.08 4.27 -2.52
N GLN A 213 -20.93 2.96 -2.52
CA GLN A 213 -21.98 2.06 -3.00
C GLN A 213 -23.24 2.17 -2.14
N VAL A 214 -24.40 2.05 -2.77
CA VAL A 214 -25.65 2.07 -2.01
C VAL A 214 -26.12 0.67 -1.67
N LEU A 215 -26.67 0.53 -0.48
CA LEU A 215 -27.32 -0.71 -0.12
C LEU A 215 -28.57 -0.44 0.73
N VAL A 216 -29.57 -1.30 0.61
CA VAL A 216 -30.88 -1.03 1.18
C VAL A 216 -31.38 -2.14 2.08
N ILE A 217 -31.90 -1.77 3.25
CA ILE A 217 -32.43 -2.73 4.18
C ILE A 217 -33.95 -2.79 4.07
N GLU A 218 -34.48 -4.00 3.91
CA GLU A 218 -35.93 -4.20 3.76
C GLU A 218 -36.45 -4.99 4.94
N PRO A 219 -37.17 -4.32 5.85
CA PRO A 219 -37.76 -4.96 7.04
C PRO A 219 -39.04 -5.68 6.67
N GLN A 220 -39.28 -6.84 7.28
CA GLN A 220 -40.55 -7.56 7.09
C GLN A 220 -41.71 -6.75 7.71
N ASN A 221 -42.80 -6.59 6.95
CA ASN A 221 -44.02 -6.00 7.52
C ASN A 221 -44.46 -6.80 8.75
N GLU A 222 -45.14 -6.14 9.70
CA GLU A 222 -45.67 -6.83 10.88
C GLU A 222 -46.53 -8.06 10.55
N ASP A 223 -47.36 -7.96 9.51
CA ASP A 223 -48.24 -9.06 9.10
C ASP A 223 -47.54 -10.23 8.39
N GLY A 224 -46.25 -10.09 8.12
CA GLY A 224 -45.49 -11.19 7.54
C GLY A 224 -45.19 -11.02 6.07
N THR A 225 -45.89 -10.11 5.40
CA THR A 225 -45.58 -9.85 4.00
C THR A 225 -44.23 -9.10 3.89
N TRP A 226 -43.65 -9.09 2.71
CA TRP A 226 -42.42 -8.33 2.46
C TRP A 226 -42.71 -7.18 1.51
N PRO A 227 -42.23 -5.97 1.83
CA PRO A 227 -42.48 -4.74 1.04
C PRO A 227 -42.14 -4.85 -0.46
N ARG A 228 -41.21 -5.71 -0.87
CA ARG A 228 -40.96 -5.90 -2.29
C ARG A 228 -41.49 -7.22 -2.84
N ARG B 12 -5.86 -30.53 -12.14
CA ARG B 12 -6.50 -29.62 -11.20
C ARG B 12 -7.43 -30.43 -10.33
N PRO B 13 -7.16 -30.48 -9.02
CA PRO B 13 -8.04 -31.26 -8.15
C PRO B 13 -9.34 -30.49 -7.87
N ASP B 14 -10.27 -31.15 -7.21
CA ASP B 14 -11.59 -30.58 -6.94
C ASP B 14 -11.53 -29.35 -6.02
N VAL B 15 -12.63 -28.62 -5.92
CA VAL B 15 -12.59 -27.34 -5.23
C VAL B 15 -12.24 -27.46 -3.74
N GLU B 16 -12.71 -28.53 -3.10
CA GLU B 16 -12.40 -28.72 -1.68
C GLU B 16 -10.90 -28.80 -1.48
N THR B 17 -10.23 -29.49 -2.38
CA THR B 17 -8.79 -29.72 -2.27
C THR B 17 -8.03 -28.44 -2.61
N GLN B 18 -8.53 -27.66 -3.57
CA GLN B 18 -7.91 -26.37 -3.88
C GLN B 18 -8.06 -25.40 -2.70
N LYS B 19 -9.19 -25.48 -1.99
CA LYS B 19 -9.41 -24.60 -0.84
C LYS B 19 -8.42 -24.95 0.27
N THR B 20 -8.26 -26.24 0.49
CA THR B 20 -7.33 -26.74 1.50
C THR B 20 -5.86 -26.44 1.23
N GLU B 21 -5.41 -26.75 0.02
CA GLU B 21 -3.99 -26.57 -0.29
C GLU B 21 -3.58 -25.12 -0.25
N LEU B 22 -4.44 -24.24 -0.78
CA LEU B 22 -4.18 -22.81 -0.70
C LEU B 22 -4.44 -22.22 0.70
N GLY B 23 -5.38 -22.80 1.43
CA GLY B 23 -5.61 -22.40 2.81
C GLY B 23 -4.39 -22.66 3.68
N ALA B 24 -3.67 -23.75 3.39
CA ALA B 24 -2.47 -24.07 4.15
C ALA B 24 -1.40 -22.98 3.99
N LEU B 25 -1.56 -22.14 2.96
CA LEU B 25 -0.61 -21.06 2.67
C LEU B 25 -1.07 -19.70 3.20
N MSE B 26 -2.30 -19.64 3.70
CA MSE B 26 -2.88 -18.46 4.35
C MSE B 26 -1.92 -17.59 5.18
O MSE B 26 -2.03 -16.37 5.22
CB MSE B 26 -3.99 -18.88 5.29
CG MSE B 26 -5.24 -19.44 4.64
SE MSE B 26 -6.45 -17.99 4.35
CE MSE B 26 -5.45 -17.07 3.00
N GLY B 27 -1.00 -18.24 5.88
CA GLY B 27 -0.23 -17.53 6.89
C GLY B 27 1.21 -17.24 6.53
N THR B 28 1.54 -17.27 5.24
CA THR B 28 2.90 -16.99 4.82
C THR B 28 3.28 -15.54 5.15
N THR B 29 4.45 -15.36 5.73
CA THR B 29 4.88 -14.01 6.09
C THR B 29 5.76 -13.43 4.99
N LEU B 30 5.93 -12.12 5.02
CA LEU B 30 6.82 -11.47 4.07
C LEU B 30 8.22 -11.59 4.62
N GLN B 31 9.14 -12.08 3.80
CA GLN B 31 10.55 -12.12 4.20
C GLN B 31 11.38 -11.43 3.13
N ARG B 32 12.37 -10.63 3.54
CA ARG B 32 13.22 -9.92 2.58
CA ARG B 32 13.24 -9.93 2.60
C ARG B 32 13.77 -10.87 1.50
N GLY B 33 13.70 -10.43 0.25
CA GLY B 33 14.21 -11.23 -0.86
C GLY B 33 13.24 -12.26 -1.46
N ALA B 34 12.13 -12.55 -0.77
CA ALA B 34 11.15 -13.53 -1.25
C ALA B 34 10.38 -13.01 -2.46
N GLN B 35 9.96 -13.95 -3.32
CA GLN B 35 9.21 -13.60 -4.53
C GLN B 35 7.72 -13.85 -4.37
N TRP B 36 6.95 -12.85 -4.75
CA TRP B 36 5.50 -12.88 -4.68
C TRP B 36 4.93 -12.53 -6.03
N TYR B 37 3.71 -13.01 -6.29
CA TYR B 37 3.13 -12.82 -7.60
C TYR B 37 1.85 -12.00 -7.48
N LEU B 38 1.59 -11.19 -8.50
CA LEU B 38 0.37 -10.40 -8.54
C LEU B 38 -0.69 -11.08 -9.35
N ILE B 39 -1.90 -11.08 -8.81
CA ILE B 39 -3.04 -11.60 -9.53
C ILE B 39 -4.12 -10.56 -9.47
N ASP B 40 -4.66 -10.21 -10.63
CA ASP B 40 -5.80 -9.30 -10.69
C ASP B 40 -6.85 -9.86 -9.72
N SER B 41 -7.44 -8.96 -8.95
CA SER B 41 -8.36 -9.37 -7.89
C SER B 41 -9.71 -9.75 -8.49
N ARG B 42 -9.97 -9.29 -9.70
CA ARG B 42 -11.12 -9.77 -10.46
C ARG B 42 -11.02 -11.29 -10.62
N TRP B 43 -9.90 -11.80 -11.15
CA TRP B 43 -9.73 -13.23 -11.30
C TRP B 43 -9.75 -13.93 -9.96
N PHE B 44 -9.02 -13.38 -8.99
CA PHE B 44 -8.87 -14.05 -7.70
C PHE B 44 -10.16 -14.11 -6.88
N LYS B 45 -10.94 -13.02 -6.86
CA LYS B 45 -12.22 -13.01 -6.16
C LYS B 45 -13.15 -14.04 -6.77
N GLN B 46 -13.13 -14.14 -8.10
CA GLN B 46 -13.98 -15.13 -8.77
C GLN B 46 -13.56 -16.55 -8.38
N TRP B 47 -12.26 -16.80 -8.37
CA TRP B 47 -11.74 -18.08 -7.91
C TRP B 47 -12.27 -18.44 -6.52
N LYS B 48 -12.21 -17.49 -5.59
CA LYS B 48 -12.69 -17.71 -4.22
C LYS B 48 -14.17 -18.10 -4.18
N LYS B 49 -14.98 -17.44 -5.01
CA LYS B 49 -16.38 -17.77 -5.08
C LYS B 49 -16.55 -19.16 -5.68
N TYR B 50 -15.66 -19.51 -6.59
CA TYR B 50 -15.79 -20.79 -7.27
C TYR B 50 -15.51 -21.95 -6.32
N VAL B 51 -14.49 -21.81 -5.47
CA VAL B 51 -14.14 -22.89 -4.56
C VAL B 51 -14.82 -22.77 -3.20
N GLY B 52 -15.57 -21.68 -3.00
CA GLY B 52 -16.19 -21.38 -1.72
C GLY B 52 -15.16 -21.12 -0.65
N PHE B 53 -14.14 -20.34 -1.00
CA PHE B 53 -12.97 -20.20 -0.14
C PHE B 53 -13.27 -19.56 1.19
N ASP B 54 -14.17 -18.59 1.20
CA ASP B 54 -14.49 -17.84 2.41
C ASP B 54 -15.68 -18.47 3.13
N SER B 55 -15.59 -19.75 3.39
CA SER B 55 -16.69 -20.48 3.98
C SER B 55 -16.33 -21.95 4.21
N TRP B 56 -16.24 -22.35 5.47
CA TRP B 56 -15.90 -23.72 5.82
C TRP B 56 -17.11 -24.45 6.41
N ASP B 57 -18.06 -24.82 5.57
CA ASP B 57 -19.22 -25.61 6.00
C ASP B 57 -19.09 -27.09 5.64
N MSE B 58 -19.97 -27.91 6.22
CA MSE B 58 -19.94 -29.36 5.97
C MSE B 58 -20.02 -29.64 4.48
O MSE B 58 -19.40 -30.58 3.98
CB MSE B 58 -21.09 -30.04 6.72
CG MSE B 58 -21.27 -31.52 6.45
SE MSE B 58 -22.78 -32.21 7.48
CE MSE B 58 -23.50 -33.48 6.21
N TYR B 59 -20.76 -28.79 3.77
CA TYR B 59 -20.91 -28.90 2.33
C TYR B 59 -20.26 -27.72 1.62
N ASN B 60 -19.42 -28.02 0.64
CA ASN B 60 -18.74 -26.97 -0.09
C ASN B 60 -19.73 -25.98 -0.72
N VAL B 61 -19.37 -24.70 -0.67
CA VAL B 61 -20.28 -23.61 -1.05
C VAL B 61 -19.90 -22.92 -2.37
N GLY B 62 -18.81 -23.38 -2.99
CA GLY B 62 -18.39 -22.86 -4.28
C GLY B 62 -19.49 -22.83 -5.33
N GLU B 63 -19.42 -21.87 -6.25
CA GLU B 63 -20.45 -21.70 -7.29
C GLU B 63 -19.90 -22.12 -8.65
N HIS B 64 -20.45 -23.21 -9.18
CA HIS B 64 -19.89 -23.92 -10.32
C HIS B 64 -19.75 -23.06 -11.57
N ASN B 65 -20.73 -22.19 -11.80
CA ASN B 65 -20.69 -21.31 -12.95
C ASN B 65 -19.70 -20.14 -12.78
N LEU B 66 -18.98 -20.10 -11.67
CA LEU B 66 -17.99 -19.05 -11.48
C LEU B 66 -16.58 -19.57 -11.73
N PHE B 67 -16.50 -20.79 -12.27
CA PHE B 67 -15.23 -21.30 -12.79
C PHE B 67 -14.46 -20.15 -13.44
N PRO B 68 -13.26 -19.83 -12.92
CA PRO B 68 -12.61 -18.60 -13.41
C PRO B 68 -11.83 -18.75 -14.72
N GLY B 69 -11.49 -19.98 -15.10
CA GLY B 69 -10.65 -20.21 -16.27
C GLY B 69 -9.21 -19.79 -15.99
N PRO B 70 -8.41 -19.72 -17.05
CA PRO B 70 -7.00 -19.34 -16.99
C PRO B 70 -6.77 -18.02 -16.24
N ILE B 71 -5.69 -17.94 -15.50
CA ILE B 71 -5.33 -16.73 -14.79
C ILE B 71 -5.16 -15.60 -15.80
N ASP B 72 -5.86 -14.50 -15.54
CA ASP B 72 -5.93 -13.40 -16.47
C ASP B 72 -5.60 -12.09 -15.77
N ASN B 73 -4.43 -11.55 -16.08
CA ASN B 73 -3.94 -10.35 -15.42
C ASN B 73 -4.02 -9.13 -16.32
N SER B 74 -4.76 -9.27 -17.43
CA SER B 74 -4.75 -8.24 -18.47
C SER B 74 -5.29 -6.93 -17.93
N GLY B 75 -6.12 -7.01 -16.90
CA GLY B 75 -6.61 -5.84 -16.20
C GLY B 75 -5.52 -4.99 -15.53
N LEU B 76 -4.40 -5.63 -15.20
CA LEU B 76 -3.29 -4.95 -14.54
C LEU B 76 -2.36 -4.24 -15.53
N PHE B 77 -2.59 -4.44 -16.83
CA PHE B 77 -1.67 -4.00 -17.87
C PHE B 77 -2.14 -2.70 -18.53
N SER B 78 -1.21 -1.76 -18.77
CA SER B 78 -1.59 -0.54 -19.49
C SER B 78 -1.74 -0.83 -20.98
N ASP B 79 -0.93 -1.76 -21.46
CA ASP B 79 -0.94 -2.18 -22.86
C ASP B 79 -1.04 -3.71 -22.90
N PRO B 80 -1.82 -4.25 -23.85
CA PRO B 80 -1.89 -5.72 -23.95
C PRO B 80 -0.64 -6.29 -24.62
N GLU B 81 -0.05 -5.55 -25.55
CA GLU B 81 1.16 -6.02 -26.21
C GLU B 81 2.34 -6.11 -25.25
N SER B 82 2.61 -5.03 -24.51
CA SER B 82 3.83 -4.91 -23.72
C SER B 82 3.68 -5.34 -22.26
N GLN B 83 2.44 -5.40 -21.78
CA GLN B 83 2.22 -5.85 -20.43
C GLN B 83 3.00 -5.02 -19.38
N THR B 84 3.20 -3.74 -19.67
CA THR B 84 3.63 -2.80 -18.65
C THR B 84 2.51 -2.75 -17.63
N LEU B 85 2.86 -2.69 -16.35
CA LEU B 85 1.86 -2.58 -15.30
C LEU B 85 1.25 -1.18 -15.32
N LYS B 86 -0.06 -1.10 -15.17
CA LYS B 86 -0.71 0.18 -14.92
C LYS B 86 -0.05 0.84 -13.71
N GLU B 87 -0.04 2.16 -13.69
CA GLU B 87 0.40 2.88 -12.49
C GLU B 87 -0.75 3.06 -11.50
N HIS B 88 -0.40 3.32 -10.26
CA HIS B 88 -1.40 3.60 -9.21
C HIS B 88 -2.29 2.42 -8.83
N LEU B 89 -1.80 1.20 -9.00
CA LEU B 89 -2.55 0.04 -8.54
C LEU B 89 -2.41 -0.06 -7.01
N ILE B 90 -3.53 -0.36 -6.36
CA ILE B 90 -3.61 -0.53 -4.91
C ILE B 90 -3.69 -2.02 -4.55
N ASP B 91 -2.73 -2.48 -3.77
CA ASP B 91 -2.77 -3.82 -3.19
C ASP B 91 -4.11 -4.02 -2.48
N GLU B 92 -4.61 -5.25 -2.52
CA GLU B 92 -5.90 -5.62 -1.91
C GLU B 92 -7.10 -5.06 -2.67
N LEU B 93 -6.90 -4.04 -3.48
CA LEU B 93 -8.00 -3.49 -4.27
C LEU B 93 -7.93 -3.95 -5.72
N ASP B 94 -6.82 -3.65 -6.38
CA ASP B 94 -6.65 -3.98 -7.78
C ASP B 94 -6.05 -5.38 -7.99
N TYR B 95 -5.33 -5.85 -6.99
CA TYR B 95 -4.65 -7.12 -7.13
C TYR B 95 -4.40 -7.70 -5.77
N VAL B 96 -4.13 -8.99 -5.75
CA VAL B 96 -3.69 -9.64 -4.54
C VAL B 96 -2.29 -10.22 -4.72
N LEU B 97 -1.56 -10.33 -3.63
CA LEU B 97 -0.21 -10.85 -3.65
C LEU B 97 -0.21 -12.26 -3.12
N VAL B 98 0.27 -13.21 -3.90
CA VAL B 98 0.32 -14.59 -3.42
C VAL B 98 1.75 -15.09 -3.37
N PRO B 99 2.05 -15.96 -2.39
CA PRO B 99 3.42 -16.47 -2.34
C PRO B 99 3.70 -17.35 -3.54
N ALA B 100 4.98 -17.58 -3.83
CA ALA B 100 5.38 -18.41 -4.94
C ALA B 100 4.65 -19.75 -4.92
N GLU B 101 4.53 -20.37 -3.75
CA GLU B 101 3.93 -21.70 -3.65
C GLU B 101 2.48 -21.70 -4.11
N ALA B 102 1.73 -20.66 -3.75
CA ALA B 102 0.35 -20.55 -4.17
C ALA B 102 0.25 -20.24 -5.66
N TRP B 103 1.13 -19.37 -6.16
CA TRP B 103 1.11 -19.03 -7.59
C TRP B 103 1.31 -20.29 -8.44
N ASN B 104 2.33 -21.07 -8.10
CA ASN B 104 2.56 -22.36 -8.76
C ASN B 104 1.36 -23.30 -8.77
N LYS B 105 0.67 -23.42 -7.64
CA LYS B 105 -0.53 -24.25 -7.61
C LYS B 105 -1.62 -23.72 -8.54
N LEU B 106 -1.92 -22.42 -8.45
CA LEU B 106 -2.99 -21.84 -9.26
C LEU B 106 -2.67 -21.91 -10.75
N LEU B 107 -1.42 -21.67 -11.10
CA LEU B 107 -0.94 -21.72 -12.46
C LEU B 107 -0.97 -23.16 -12.99
N ASN B 108 -0.45 -24.11 -12.23
CA ASN B 108 -0.60 -25.52 -12.62
C ASN B 108 -2.05 -25.91 -12.86
N TRP B 109 -2.94 -25.44 -11.97
CA TRP B 109 -4.35 -25.80 -12.04
C TRP B 109 -5.15 -25.13 -13.15
N TYR B 110 -4.85 -23.87 -13.45
CA TYR B 110 -5.71 -23.12 -14.35
C TYR B 110 -5.07 -22.74 -15.66
N GLY B 111 -3.75 -22.73 -15.68
CA GLY B 111 -3.01 -22.15 -16.79
C GLY B 111 -3.11 -20.64 -16.73
N CYS B 112 -2.54 -19.96 -17.71
CA CYS B 112 -2.66 -18.51 -17.76
C CYS B 112 -3.01 -18.11 -19.18
N VAL B 113 -3.57 -16.92 -19.35
CA VAL B 113 -3.81 -16.38 -20.67
C VAL B 113 -2.50 -16.33 -21.48
N GLU B 114 -2.53 -16.92 -22.67
CA GLU B 114 -1.41 -16.90 -23.61
C GLU B 114 -0.78 -15.52 -23.70
N GLY B 115 0.54 -15.50 -23.67
CA GLY B 115 1.27 -14.25 -23.78
C GLY B 115 1.53 -13.52 -22.47
N GLN B 116 0.71 -13.73 -21.45
CA GLN B 116 0.90 -13.02 -20.18
C GLN B 116 2.04 -13.61 -19.35
N GLN B 117 3.12 -12.87 -19.18
CA GLN B 117 4.18 -13.28 -18.27
C GLN B 117 3.77 -13.13 -16.81
N PRO B 118 4.23 -14.04 -15.95
CA PRO B 118 3.98 -13.94 -14.51
C PRO B 118 4.44 -12.58 -13.98
N ILE B 119 3.67 -12.00 -13.06
CA ILE B 119 4.05 -10.71 -12.48
C ILE B 119 4.69 -10.95 -11.12
N VAL B 120 6.00 -11.13 -11.16
CA VAL B 120 6.76 -11.47 -9.96
C VAL B 120 7.53 -10.24 -9.44
N ARG B 121 7.55 -10.09 -8.12
CA ARG B 121 8.16 -8.93 -7.47
C ARG B 121 8.77 -9.43 -6.18
N LYS B 122 9.75 -8.70 -5.67
CA LYS B 122 10.48 -9.11 -4.47
C LYS B 122 10.06 -8.35 -3.22
N VAL B 123 10.19 -8.99 -2.06
CA VAL B 123 9.99 -8.33 -0.78
C VAL B 123 11.24 -7.50 -0.42
N VAL B 124 11.04 -6.22 -0.15
CA VAL B 124 12.13 -5.36 0.34
C VAL B 124 11.75 -4.79 1.69
N GLU B 125 12.75 -4.46 2.50
CA GLU B 125 12.52 -3.83 3.80
C GLU B 125 12.63 -2.32 3.64
N HIS B 126 11.65 -1.56 4.12
CA HIS B 126 11.71 -0.11 4.07
C HIS B 126 11.01 0.53 5.26
N GLY B 127 10.92 1.86 5.22
CA GLY B 127 10.25 2.62 6.25
C GLY B 127 11.04 3.83 6.71
N LEU B 128 10.35 4.96 6.85
CA LEU B 128 10.96 6.19 7.37
C LEU B 128 11.22 6.14 8.87
N PHE B 129 10.42 5.36 9.58
CA PHE B 129 10.57 5.17 11.01
C PHE B 129 10.68 3.66 11.22
N VAL B 130 9.62 3.04 11.73
CA VAL B 130 9.57 1.58 11.85
C VAL B 130 9.88 0.91 10.51
N LYS B 131 10.75 -0.10 10.53
CA LYS B 131 11.02 -0.91 9.35
C LYS B 131 9.99 -2.03 9.22
N HIS B 132 9.54 -2.26 7.99
CA HIS B 132 8.59 -3.33 7.71
C HIS B 132 8.82 -3.76 6.27
N CYS B 133 8.43 -4.99 5.97
CA CYS B 133 8.60 -5.51 4.62
C CYS B 133 7.39 -5.20 3.75
N LYS B 134 7.65 -4.97 2.47
CA LYS B 134 6.58 -4.90 1.49
C LYS B 134 7.08 -5.46 0.17
N VAL B 135 6.15 -5.82 -0.70
CA VAL B 135 6.51 -6.25 -2.02
C VAL B 135 6.67 -5.03 -2.91
N GLU B 136 7.85 -4.87 -3.50
CA GLU B 136 8.12 -3.70 -4.33
C GLU B 136 7.51 -3.91 -5.71
N VAL B 137 6.38 -3.27 -5.97
CA VAL B 137 5.64 -3.52 -7.20
C VAL B 137 6.13 -2.59 -8.30
N TYR B 138 6.54 -1.40 -7.90
CA TYR B 138 7.07 -0.42 -8.84
C TYR B 138 8.53 -0.15 -8.58
N LEU B 139 9.37 -0.49 -9.55
CA LEU B 139 10.79 -0.19 -9.48
C LEU B 139 11.07 1.20 -10.05
N LEU B 140 12.23 1.75 -9.74
CA LEU B 140 12.63 3.01 -10.34
C LEU B 140 13.27 2.79 -11.71
N GLU B 141 12.68 3.38 -12.74
CA GLU B 141 13.27 3.35 -14.06
C GLU B 141 14.24 4.50 -14.24
N LEU B 142 15.46 4.19 -14.68
CA LEU B 142 16.49 5.19 -14.93
C LEU B 142 17.06 5.06 -16.33
N LYS B 143 17.49 6.18 -16.89
CA LYS B 143 18.18 6.21 -18.17
C LYS B 143 19.67 6.39 -17.93
N LEU B 144 20.46 5.42 -18.38
CA LEU B 144 21.89 5.42 -18.13
C LEU B 144 22.65 5.68 -19.41
N CYS B 145 23.66 6.52 -19.32
CA CYS B 145 24.55 6.70 -20.44
C CYS B 145 25.94 7.07 -19.97
N GLU B 146 26.87 7.07 -20.92
CA GLU B 146 28.28 7.23 -20.66
C GLU B 146 28.68 8.57 -21.24
N ASN B 147 29.49 9.31 -20.52
CA ASN B 147 29.89 10.66 -20.92
C ASN B 147 30.37 10.77 -22.38
N SER B 148 31.14 9.79 -22.83
CA SER B 148 31.77 9.89 -24.14
C SER B 148 30.87 9.51 -25.31
N ASP B 149 29.60 9.24 -25.02
CA ASP B 149 28.67 8.81 -26.06
C ASP B 149 27.24 8.94 -25.57
N PRO B 150 26.77 10.18 -25.41
CA PRO B 150 25.56 10.53 -24.66
C PRO B 150 24.30 10.01 -25.34
N THR B 151 24.43 9.62 -26.60
CA THR B 151 23.30 9.13 -27.39
C THR B 151 22.99 7.67 -27.11
N ASN B 152 24.01 6.91 -26.71
CA ASN B 152 23.80 5.52 -26.30
C ASN B 152 23.19 5.42 -24.90
N VAL B 153 21.86 5.50 -24.84
CA VAL B 153 21.12 5.56 -23.58
C VAL B 153 20.34 4.27 -23.31
N LEU B 154 20.58 3.69 -22.14
CA LEU B 154 19.93 2.43 -21.78
C LEU B 154 18.97 2.66 -20.63
N SER B 155 17.77 2.09 -20.77
CA SER B 155 16.80 2.10 -19.71
C SER B 155 17.20 0.99 -18.75
N CYS B 156 17.10 1.26 -17.45
CA CYS B 156 17.36 0.23 -16.46
C CYS B 156 16.50 0.43 -15.20
N HIS B 157 16.04 -0.66 -14.62
CA HIS B 157 15.16 -0.60 -13.44
C HIS B 157 15.88 -0.95 -12.16
N PHE B 158 15.69 -0.15 -11.12
CA PHE B 158 16.36 -0.41 -9.87
C PHE B 158 15.38 -0.45 -8.73
N SER B 159 15.71 -1.18 -7.69
CA SER B 159 14.94 -1.18 -6.45
C SER B 159 15.14 0.14 -5.72
N LYS B 160 14.12 0.59 -4.98
CA LYS B 160 14.22 1.79 -4.14
C LYS B 160 15.29 1.59 -3.05
N ALA B 161 15.47 0.33 -2.67
CA ALA B 161 16.41 -0.04 -1.60
C ALA B 161 17.85 -0.23 -2.08
N ASP B 162 18.06 -0.34 -3.39
CA ASP B 162 19.41 -0.41 -3.95
C ASP B 162 20.13 0.91 -3.68
N THR B 163 21.47 0.87 -3.62
CA THR B 163 22.24 2.08 -3.37
C THR B 163 22.80 2.72 -4.65
N ILE B 164 23.46 3.86 -4.51
CA ILE B 164 24.07 4.51 -5.65
C ILE B 164 25.20 3.65 -6.19
N ALA B 165 25.91 2.98 -5.30
CA ALA B 165 26.91 2.00 -5.68
C ALA B 165 26.35 0.97 -6.65
N THR B 166 25.15 0.45 -6.38
CA THR B 166 24.53 -0.55 -7.26
C THR B 166 24.49 -0.03 -8.68
N ILE B 167 24.11 1.24 -8.81
CA ILE B 167 23.95 1.88 -10.10
C ILE B 167 25.26 2.02 -10.88
N GLU B 168 26.29 2.53 -10.21
CA GLU B 168 27.60 2.72 -10.82
C GLU B 168 28.10 1.39 -11.34
N LYS B 169 27.94 0.37 -10.50
CA LYS B 169 28.38 -0.98 -10.84
C LYS B 169 27.68 -1.47 -12.10
N GLU B 170 26.38 -1.23 -12.17
CA GLU B 170 25.59 -1.61 -13.34
C GLU B 170 26.10 -0.87 -14.58
N MSE B 171 26.36 0.42 -14.42
CA MSE B 171 26.89 1.23 -15.51
C MSE B 171 28.28 0.80 -15.98
O MSE B 171 28.59 0.88 -17.17
CB MSE B 171 26.88 2.71 -15.11
CG MSE B 171 25.52 3.17 -14.66
SE MSE B 171 25.44 5.05 -14.19
CE MSE B 171 25.30 5.83 -15.96
N ARG B 172 29.12 0.35 -15.06
CA ARG B 172 30.43 -0.14 -15.48
C ARG B 172 30.24 -1.37 -16.36
N LYS B 173 29.29 -2.22 -15.96
CA LYS B 173 28.90 -3.42 -16.70
C LYS B 173 28.38 -3.11 -18.11
N LEU B 174 27.48 -2.16 -18.22
CA LEU B 174 26.82 -1.86 -19.49
C LEU B 174 27.70 -1.13 -20.49
N PHE B 175 28.71 -0.43 -20.00
CA PHE B 175 29.53 0.44 -20.84
C PHE B 175 30.99 0.05 -20.83
N ASN B 176 31.28 -1.03 -20.12
CA ASN B 176 32.62 -1.59 -20.10
C ASN B 176 33.61 -0.55 -19.61
N ILE B 177 33.38 -0.03 -18.42
CA ILE B 177 34.33 0.83 -17.73
C ILE B 177 35.12 -0.03 -16.76
N PRO B 178 36.45 -0.12 -16.97
CA PRO B 178 37.36 -0.93 -16.14
C PRO B 178 37.13 -0.64 -14.66
N ALA B 179 37.02 -1.67 -13.84
CA ALA B 179 36.75 -1.49 -12.41
C ALA B 179 37.91 -0.81 -11.65
N GLU B 180 39.06 -0.69 -12.29
CA GLU B 180 40.19 -0.01 -11.70
C GLU B 180 40.17 1.48 -12.05
N ARG B 181 39.33 1.85 -13.01
CA ARG B 181 39.23 3.23 -13.44
C ARG B 181 38.42 4.04 -12.45
N GLU B 182 38.56 5.35 -12.56
CA GLU B 182 37.91 6.27 -11.65
C GLU B 182 36.72 6.90 -12.34
N THR B 183 35.61 7.03 -11.62
CA THR B 183 34.41 7.56 -12.24
C THR B 183 33.75 8.60 -11.37
N ARG B 184 32.97 9.47 -12.00
CA ARG B 184 32.08 10.39 -11.32
C ARG B 184 30.70 10.23 -11.90
N LEU B 185 29.69 10.18 -11.03
CA LEU B 185 28.33 9.95 -11.48
C LEU B 185 27.54 11.24 -11.36
N TRP B 186 26.88 11.60 -12.46
CA TRP B 186 26.16 12.86 -12.56
C TRP B 186 24.67 12.67 -12.86
N ASN B 187 23.85 13.23 -12.00
CA ASN B 187 22.43 13.38 -12.27
C ASN B 187 22.17 14.62 -13.13
N LYS B 188 21.81 14.40 -14.39
CA LYS B 188 21.36 15.50 -15.24
C LYS B 188 19.89 15.78 -14.91
N TYR B 189 19.65 16.73 -14.04
CA TYR B 189 18.29 16.99 -13.61
C TYR B 189 17.67 18.19 -14.31
N MSE B 190 18.42 18.79 -15.22
CA MSE B 190 17.87 19.79 -16.12
C MSE B 190 18.51 19.75 -17.50
O MSE B 190 19.27 18.82 -17.82
CB MSE B 190 17.96 21.19 -15.51
CG MSE B 190 16.81 21.53 -14.57
SE MSE B 190 17.21 23.05 -13.40
CE MSE B 190 17.73 24.36 -14.75
N SER B 191 18.20 20.74 -18.32
CA SER B 191 18.75 20.82 -19.67
C SER B 191 20.26 20.61 -19.62
N ASN B 192 20.98 21.60 -19.08
CA ASN B 192 22.43 21.54 -18.97
C ASN B 192 22.90 21.71 -17.53
N THR B 193 22.03 21.37 -16.59
CA THR B 193 22.38 21.45 -15.17
C THR B 193 22.55 20.04 -14.55
N TYR B 194 23.63 19.87 -13.80
CA TYR B 194 24.02 18.57 -13.27
C TYR B 194 24.38 18.63 -11.79
N GLU B 195 24.01 17.57 -11.08
CA GLU B 195 24.42 17.40 -9.69
C GLU B 195 25.27 16.14 -9.62
N GLN B 196 26.34 16.20 -8.86
CA GLN B 196 27.13 15.00 -8.66
C GLN B 196 26.57 14.08 -7.59
N LEU B 197 26.47 12.81 -7.95
CA LEU B 197 26.12 11.77 -7.02
C LEU B 197 27.40 11.23 -6.42
N SER B 198 27.64 11.53 -5.15
CA SER B 198 28.90 11.15 -4.53
C SER B 198 28.72 10.29 -3.28
N LYS B 199 27.55 10.39 -2.64
CA LYS B 199 27.26 9.51 -1.52
C LYS B 199 26.80 8.14 -2.01
N LEU B 200 27.76 7.31 -2.41
CA LEU B 200 27.49 6.01 -3.00
C LEU B 200 26.93 5.01 -1.97
N ASP B 201 26.95 5.42 -0.71
CA ASP B 201 26.49 4.60 0.39
C ASP B 201 24.96 4.50 0.48
N ASN B 202 24.25 5.56 0.09
CA ASN B 202 22.81 5.59 0.36
C ASN B 202 21.88 5.08 -0.75
N THR B 203 20.65 4.82 -0.33
CA THR B 203 19.65 4.25 -1.21
C THR B 203 19.24 5.24 -2.28
N ILE B 204 18.51 4.73 -3.26
CA ILE B 204 18.06 5.51 -4.40
C ILE B 204 16.98 6.50 -3.97
N GLN B 205 16.28 6.16 -2.88
CA GLN B 205 15.31 7.07 -2.26
C GLN B 205 16.02 8.25 -1.64
N ASP B 206 17.00 7.97 -0.79
CA ASP B 206 17.85 8.99 -0.17
C ASP B 206 18.37 10.00 -1.19
N ALA B 207 18.38 9.62 -2.46
CA ALA B 207 18.89 10.46 -3.53
C ALA B 207 17.78 11.25 -4.22
N GLY B 208 16.53 10.85 -4.00
CA GLY B 208 15.40 11.50 -4.62
C GLY B 208 15.44 11.52 -6.15
N LEU B 209 15.78 10.40 -6.77
CA LEU B 209 15.78 10.33 -8.21
C LEU B 209 14.37 10.08 -8.69
N TYR B 210 14.00 10.68 -9.83
CA TYR B 210 12.66 10.50 -10.39
C TYR B 210 12.67 9.42 -11.46
N GLN B 211 11.49 8.93 -11.81
CA GLN B 211 11.33 7.99 -12.90
C GLN B 211 11.83 8.63 -14.19
N GLY B 212 12.61 7.88 -14.97
CA GLY B 212 13.09 8.35 -16.26
C GLY B 212 14.20 9.38 -16.16
N GLN B 213 14.67 9.62 -14.94
CA GLN B 213 15.84 10.44 -14.65
C GLN B 213 17.05 10.00 -15.48
N VAL B 214 17.82 10.98 -15.95
CA VAL B 214 19.02 10.67 -16.72
C VAL B 214 20.25 10.72 -15.83
N LEU B 215 21.01 9.64 -15.83
CA LEU B 215 22.29 9.62 -15.13
C LEU B 215 23.42 9.39 -16.11
N VAL B 216 24.48 10.16 -15.96
CA VAL B 216 25.61 9.99 -16.83
C VAL B 216 26.80 9.64 -15.97
N ILE B 217 27.51 8.58 -16.34
CA ILE B 217 28.75 8.24 -15.68
C ILE B 217 29.94 8.78 -16.50
N GLU B 218 30.94 9.30 -15.80
CA GLU B 218 32.08 9.95 -16.44
C GLU B 218 33.36 9.31 -15.94
N PRO B 219 34.03 8.56 -16.82
CA PRO B 219 35.27 7.88 -16.47
C PRO B 219 36.45 8.86 -16.48
N GLN B 220 37.39 8.67 -15.58
CA GLN B 220 38.62 9.45 -15.60
C GLN B 220 39.38 9.08 -16.84
N ASN B 221 39.79 10.08 -17.60
CA ASN B 221 40.64 9.84 -18.75
C ASN B 221 41.90 9.08 -18.35
N GLU B 222 42.40 8.26 -19.27
CA GLU B 222 43.56 7.40 -19.00
C GLU B 222 44.80 8.20 -18.57
N ASP B 223 44.90 9.46 -18.99
CA ASP B 223 46.07 10.27 -18.66
C ASP B 223 46.04 10.85 -17.24
N GLY B 224 44.85 10.97 -16.66
CA GLY B 224 44.69 11.55 -15.33
C GLY B 224 43.68 12.67 -15.32
N THR B 225 43.53 13.32 -16.47
CA THR B 225 42.59 14.41 -16.64
C THR B 225 41.13 13.98 -16.35
N TRP B 226 40.19 14.91 -16.55
CA TRP B 226 38.77 14.64 -16.35
C TRP B 226 37.93 15.29 -17.43
N PRO B 227 37.21 14.49 -18.22
CA PRO B 227 36.39 15.15 -19.24
C PRO B 227 35.49 16.19 -18.57
N1 1PS C . -19.71 -35.57 3.63
C1 1PS C . -20.79 -34.89 4.32
C2 1PS C . -21.57 -35.65 5.40
C3 1PS C . -19.43 -36.96 3.90
C4 1PS C . -20.47 -37.83 4.63
C5 1PS C . -21.53 -37.19 5.54
C6 1PS C . -18.99 -34.89 2.60
C7 1PS C . -19.17 -33.42 2.55
C8 1PS C . -19.39 -32.80 1.21
S1 1PS C . -18.12 -31.83 0.45
O1 1PS C . -17.45 -32.65 -0.57
O2 1PS C . -17.11 -31.35 1.41
O3 1PS C . -18.80 -30.67 -0.15
#